data_4U4P
#
_entry.id   4U4P
#
_cell.length_a   50.400
_cell.length_b   93.980
_cell.length_c   102.070
_cell.angle_alpha   90.00
_cell.angle_beta   90.00
_cell.angle_gamma   90.00
#
_symmetry.space_group_name_H-M   'P 21 21 21'
#
loop_
_entity.id
_entity.type
_entity.pdbx_description
1 polymer 'Structural maintenance of chromosomes protein 2'
2 polymer 'Structural maintenance of chromosomes protein 4'
3 water water
#
loop_
_entity_poly.entity_id
_entity_poly.type
_entity_poly.pdbx_seq_one_letter_code
_entity_poly.pdbx_strand_id
1 'polypeptide(L)'
;MESLLEKRRQLSRDIGRLKETYEALLARFPNLRFAYKDPEKNWNRNCVKGLVASLISVKDTSATTALELVAGERLYNVVV
DTEVTGKKLLERGELKRRYTIIPLNKISARCIAPETLRVAQNLVGPDNVHVALSLVEYKPELQKAMEFVFGTTFVCDNMD
NAKKVAFDKRIMTRTVTLGGDVFDPHGTLSGGARSQAASILTKFQELKDVQDELRIKENELRALEEELAGLKN
;
A
2 'polypeptide(L)'
;GPGTQEETNFKSLVHDLFQKVEEAKSSLAMNRSRGKVLDAIIQEKKSGRIPGIYGRLGDLGAIDEKYDVAISSCCHALDY
IVVDSIDIAQECVNFLKRQNIGVATFIGLDKMAVWAKKMTEIQTPENTPRLFDLVKVKDEKIRQAFYFALRDTLVADNLD
QATRVAYQKDRRWRVVTLQGQIIEQSGTMTGGGSKVMKGRMGSSLVIEISEEEVNKMESQLQNDSKKAMQIQEQKVQLEE
RVVKLRH
;
B
#
# COMPACT_ATOMS: atom_id res chain seq x y z
N MET A 1 -14.97 -47.19 16.36
CA MET A 1 -13.52 -47.20 16.20
C MET A 1 -13.09 -47.12 14.73
N GLU A 2 -13.71 -47.95 13.90
CA GLU A 2 -13.42 -47.93 12.46
C GLU A 2 -13.98 -46.67 11.85
N SER A 3 -15.05 -46.13 12.43
CA SER A 3 -15.61 -44.88 11.96
C SER A 3 -14.61 -43.74 12.21
N LEU A 4 -13.87 -43.84 13.31
CA LEU A 4 -12.84 -42.85 13.61
C LEU A 4 -11.67 -43.00 12.64
N LEU A 5 -11.36 -44.24 12.29
CA LEU A 5 -10.24 -44.50 11.40
C LEU A 5 -10.57 -44.02 10.00
N GLU A 6 -11.83 -44.17 9.62
CA GLU A 6 -12.28 -43.69 8.33
C GLU A 6 -12.33 -42.16 8.32
N LYS A 7 -12.68 -41.57 9.46
CA LYS A 7 -12.73 -40.11 9.56
C LYS A 7 -11.33 -39.56 9.38
N ARG A 8 -10.36 -40.23 9.98
CA ARG A 8 -8.95 -39.86 9.83
C ARG A 8 -8.49 -39.94 8.38
N ARG A 9 -8.91 -40.98 7.68
CA ARG A 9 -8.57 -41.13 6.27
C ARG A 9 -9.23 -40.04 5.45
N GLN A 10 -10.48 -39.72 5.77
CA GLN A 10 -11.23 -38.68 5.07
C GLN A 10 -10.59 -37.30 5.26
N LEU A 11 -10.23 -36.99 6.51
CA LEU A 11 -9.58 -35.72 6.81
C LEU A 11 -8.24 -35.64 6.10
N SER A 12 -7.46 -36.72 6.13
CA SER A 12 -6.14 -36.72 5.50
C SER A 12 -6.28 -36.45 3.99
N ARG A 13 -7.26 -37.08 3.36
CA ARG A 13 -7.53 -36.88 1.93
C ARG A 13 -7.89 -35.42 1.61
N ASP A 14 -8.81 -34.85 2.38
CA ASP A 14 -9.18 -33.46 2.19
C ASP A 14 -8.01 -32.51 2.39
N ILE A 15 -7.22 -32.76 3.42
CA ILE A 15 -6.02 -31.96 3.66
C ILE A 15 -5.07 -32.04 2.46
N GLY A 16 -4.87 -33.24 1.93
CA GLY A 16 -4.03 -33.39 0.75
C GLY A 16 -4.57 -32.61 -0.44
N ARG A 17 -5.87 -32.68 -0.64
CA ARG A 17 -6.52 -32.01 -1.77
C ARG A 17 -6.41 -30.48 -1.62
N LEU A 18 -6.70 -29.99 -0.42
CA LEU A 18 -6.62 -28.57 -0.13
C LEU A 18 -5.22 -28.00 -0.28
N LYS A 19 -4.21 -28.73 0.18
CA LYS A 19 -2.83 -28.27 0.02
C LYS A 19 -2.43 -28.17 -1.45
N GLU A 20 -2.92 -29.11 -2.26
CA GLU A 20 -2.65 -29.09 -3.68
C GLU A 20 -3.29 -27.87 -4.32
N THR A 21 -4.53 -27.58 -3.95
CA THR A 21 -5.25 -26.40 -4.44
C THR A 21 -4.54 -25.10 -4.05
N TYR A 22 -4.18 -25.04 -2.78
CA TYR A 22 -3.40 -23.94 -2.23
C TYR A 22 -2.16 -23.69 -3.07
N GLU A 23 -1.40 -24.74 -3.31
CA GLU A 23 -0.15 -24.59 -4.06
C GLU A 23 -0.40 -24.20 -5.51
N ALA A 24 -1.45 -24.74 -6.13
CA ALA A 24 -1.83 -24.36 -7.49
C ALA A 24 -2.14 -22.86 -7.58
N LEU A 25 -2.93 -22.35 -6.64
CA LEU A 25 -3.27 -20.93 -6.58
C LEU A 25 -2.03 -20.05 -6.43
N LEU A 26 -1.17 -20.36 -5.48
CA LEU A 26 0.08 -19.60 -5.34
C LEU A 26 0.92 -19.66 -6.62
N ALA A 27 0.89 -20.78 -7.33
CA ALA A 27 1.67 -20.87 -8.56
C ALA A 27 1.07 -19.97 -9.62
N ARG A 28 -0.26 -19.87 -9.63
CA ARG A 28 -0.91 -19.03 -10.61
C ARG A 28 -0.78 -17.54 -10.24
N PHE A 29 -0.80 -17.27 -8.94
CA PHE A 29 -0.70 -15.90 -8.45
C PHE A 29 0.37 -15.83 -7.36
N PRO A 30 1.65 -15.77 -7.76
CA PRO A 30 2.69 -15.79 -6.72
C PRO A 30 2.66 -14.58 -5.79
N ASN A 31 2.06 -13.47 -6.19
CA ASN A 31 1.94 -12.34 -5.28
C ASN A 31 1.05 -12.63 -4.05
N LEU A 32 0.29 -13.73 -4.09
CA LEU A 32 -0.56 -14.09 -2.94
C LEU A 32 0.26 -14.70 -1.82
N ARG A 33 1.52 -15.00 -2.11
CA ARG A 33 2.36 -15.71 -1.16
C ARG A 33 3.26 -14.76 -0.37
N PHE A 34 3.34 -14.98 0.93
CA PHE A 34 4.34 -14.33 1.74
C PHE A 34 5.15 -15.36 2.49
N ALA A 35 6.43 -15.45 2.17
CA ALA A 35 7.29 -16.41 2.84
C ALA A 35 8.47 -15.71 3.49
N TYR A 36 8.95 -16.27 4.59
CA TYR A 36 10.11 -15.72 5.28
C TYR A 36 10.81 -16.85 6.00
N LYS A 37 12.12 -16.72 6.17
CA LYS A 37 12.87 -17.66 6.99
C LYS A 37 12.77 -17.24 8.46
N ASP A 38 12.56 -18.22 9.34
CA ASP A 38 12.53 -17.96 10.78
C ASP A 38 13.77 -17.17 11.17
N PRO A 39 13.56 -15.99 11.75
CA PRO A 39 14.67 -15.10 12.11
C PRO A 39 15.35 -15.50 13.42
N GLU A 40 14.81 -16.52 14.08
CA GLU A 40 15.33 -17.02 15.35
C GLU A 40 15.04 -18.51 15.50
N LYS A 41 15.80 -19.18 16.35
CA LYS A 41 15.45 -20.51 16.80
C LYS A 41 14.28 -20.37 17.77
N ASN A 42 13.37 -21.33 17.76
CA ASN A 42 12.13 -21.26 18.54
C ASN A 42 11.27 -20.07 18.14
N TRP A 43 11.10 -19.91 16.83
CA TRP A 43 10.30 -18.81 16.29
C TRP A 43 8.80 -19.10 16.37
N ASN A 44 8.08 -18.21 17.06
CA ASN A 44 6.63 -18.30 17.14
C ASN A 44 5.98 -17.71 15.89
N ARG A 45 5.57 -18.57 14.97
CA ARG A 45 5.01 -18.16 13.69
C ARG A 45 3.72 -17.36 13.85
N ASN A 46 3.13 -17.45 15.03
CA ASN A 46 1.97 -16.62 15.35
C ASN A 46 2.31 -15.13 15.42
N CYS A 47 3.60 -14.80 15.44
CA CYS A 47 4.00 -13.40 15.52
C CYS A 47 3.75 -12.68 14.18
N VAL A 48 3.66 -13.46 13.11
CA VAL A 48 3.42 -12.91 11.78
C VAL A 48 2.02 -13.31 11.31
N LYS A 49 1.13 -12.34 11.16
CA LYS A 49 -0.26 -12.63 10.80
C LYS A 49 -0.49 -12.82 9.30
N GLY A 50 0.32 -12.16 8.48
CA GLY A 50 0.30 -12.35 7.03
C GLY A 50 -0.11 -11.11 6.25
N LEU A 51 -0.28 -11.26 4.94
CA LEU A 51 -0.71 -10.18 4.06
C LEU A 51 -2.10 -9.68 4.44
N VAL A 52 -2.27 -8.36 4.41
CA VAL A 52 -3.53 -7.73 4.80
C VAL A 52 -4.70 -8.35 4.03
N ALA A 53 -4.51 -8.54 2.71
CA ALA A 53 -5.60 -9.03 1.87
C ALA A 53 -5.99 -10.48 2.20
N SER A 54 -5.08 -11.21 2.84
CA SER A 54 -5.40 -12.59 3.23
C SER A 54 -6.21 -12.65 4.51
N LEU A 55 -6.37 -11.50 5.17
CA LEU A 55 -6.97 -11.47 6.50
C LEU A 55 -8.33 -10.77 6.55
N ILE A 56 -8.86 -10.42 5.37
CA ILE A 56 -10.13 -9.71 5.29
C ILE A 56 -11.09 -10.45 4.37
N SER A 57 -12.35 -10.05 4.41
CA SER A 57 -13.33 -10.51 3.43
C SER A 57 -14.27 -9.37 3.11
N VAL A 58 -14.50 -9.13 1.82
CA VAL A 58 -15.35 -8.04 1.38
C VAL A 58 -16.79 -8.33 1.74
N LYS A 59 -17.45 -7.38 2.40
CA LYS A 59 -18.86 -7.54 2.79
C LYS A 59 -19.82 -7.15 1.67
N ASP A 60 -19.42 -6.16 0.87
CA ASP A 60 -20.26 -5.63 -0.20
C ASP A 60 -19.44 -5.72 -1.48
N THR A 61 -19.72 -6.72 -2.30
CA THR A 61 -18.84 -7.00 -3.43
C THR A 61 -18.92 -5.92 -4.51
N SER A 62 -19.94 -5.08 -4.48
CA SER A 62 -20.01 -3.97 -5.43
C SER A 62 -18.90 -2.96 -5.14
N ALA A 63 -18.37 -3.00 -3.91
CA ALA A 63 -17.29 -2.12 -3.48
C ALA A 63 -15.90 -2.77 -3.57
N THR A 64 -15.79 -3.88 -4.29
CA THR A 64 -14.51 -4.62 -4.36
C THR A 64 -13.38 -3.77 -4.96
N THR A 65 -13.63 -3.19 -6.13
CA THR A 65 -12.65 -2.32 -6.76
C THR A 65 -12.31 -1.09 -5.90
N ALA A 66 -13.32 -0.46 -5.30
CA ALA A 66 -13.05 0.66 -4.40
C ALA A 66 -12.13 0.23 -3.25
N LEU A 67 -12.42 -0.92 -2.64
CA LEU A 67 -11.63 -1.39 -1.49
C LEU A 67 -10.20 -1.71 -1.90
N GLU A 68 -10.06 -2.30 -3.07
CA GLU A 68 -8.75 -2.54 -3.66
C GLU A 68 -7.95 -1.24 -3.74
N LEU A 69 -8.59 -0.16 -4.21
CA LEU A 69 -7.89 1.12 -4.35
C LEU A 69 -7.74 1.90 -3.02
N VAL A 70 -8.66 1.67 -2.08
CA VAL A 70 -8.52 2.23 -0.73
C VAL A 70 -7.19 1.74 -0.14
N ALA A 71 -6.97 0.43 -0.25
CA ALA A 71 -5.74 -0.16 0.27
C ALA A 71 -4.53 0.12 -0.64
N GLY A 72 -4.73 0.00 -1.95
CA GLY A 72 -3.62 0.03 -2.88
C GLY A 72 -2.60 -1.06 -2.57
N GLU A 73 -1.34 -0.65 -2.54
CA GLU A 73 -0.20 -1.48 -2.15
C GLU A 73 -0.37 -2.16 -0.78
N ARG A 74 -1.21 -1.57 0.07
CA ARG A 74 -1.35 -2.07 1.42
C ARG A 74 -2.07 -3.41 1.51
N LEU A 75 -2.69 -3.84 0.41
CA LEU A 75 -3.18 -5.22 0.34
C LEU A 75 -2.06 -6.22 0.60
N TYR A 76 -0.85 -5.83 0.24
CA TYR A 76 0.32 -6.67 0.38
C TYR A 76 1.19 -6.30 1.58
N ASN A 77 0.69 -5.42 2.44
CA ASN A 77 1.40 -5.14 3.67
C ASN A 77 1.33 -6.37 4.57
N VAL A 78 2.35 -6.55 5.39
CA VAL A 78 2.42 -7.73 6.26
C VAL A 78 2.15 -7.33 7.68
N VAL A 79 1.12 -7.92 8.27
CA VAL A 79 0.75 -7.61 9.64
C VAL A 79 1.54 -8.49 10.60
N VAL A 80 2.16 -7.87 11.60
CA VAL A 80 2.89 -8.60 12.63
C VAL A 80 2.55 -8.06 14.00
N ASP A 81 2.96 -8.79 15.04
CA ASP A 81 2.66 -8.35 16.40
C ASP A 81 3.40 -7.09 16.84
N THR A 82 4.71 -7.01 16.59
CA THR A 82 5.53 -5.89 17.09
C THR A 82 6.53 -5.34 16.06
N GLU A 83 7.04 -4.13 16.32
CA GLU A 83 8.09 -3.55 15.49
C GLU A 83 9.37 -4.36 15.65
N VAL A 84 9.50 -5.01 16.80
CA VAL A 84 10.64 -5.89 17.07
C VAL A 84 10.63 -7.03 16.06
N THR A 85 9.49 -7.70 15.96
CA THR A 85 9.27 -8.72 14.95
C THR A 85 9.53 -8.22 13.53
N GLY A 86 9.04 -7.02 13.24
CA GLY A 86 9.23 -6.42 11.93
C GLY A 86 10.70 -6.25 11.60
N LYS A 87 11.48 -5.76 12.56
CA LYS A 87 12.89 -5.50 12.31
C LYS A 87 13.63 -6.81 12.04
N LYS A 88 13.30 -7.85 12.81
CA LYS A 88 13.90 -9.16 12.65
C LYS A 88 13.59 -9.71 11.27
N LEU A 89 12.36 -9.45 10.83
CA LEU A 89 11.89 -9.90 9.53
C LEU A 89 12.69 -9.23 8.43
N LEU A 90 12.84 -7.91 8.54
CA LEU A 90 13.58 -7.17 7.53
C LEU A 90 15.06 -7.58 7.53
N GLU A 91 15.62 -7.70 8.74
CA GLU A 91 17.02 -8.07 8.88
C GLU A 91 17.30 -9.54 8.56
N ARG A 92 16.61 -10.44 9.25
CA ARG A 92 16.97 -11.85 9.25
C ARG A 92 16.00 -12.78 8.52
N GLY A 93 14.88 -12.23 8.06
CA GLY A 93 13.82 -13.05 7.49
C GLY A 93 14.02 -13.53 6.05
N GLU A 94 15.09 -13.05 5.42
CA GLU A 94 15.43 -13.47 4.05
C GLU A 94 14.32 -13.17 3.04
N LEU A 95 13.70 -12.00 3.16
CA LEU A 95 12.60 -11.64 2.27
C LEU A 95 13.09 -11.59 0.83
N LYS A 96 12.29 -12.15 -0.07
CA LYS A 96 12.65 -12.23 -1.47
C LYS A 96 12.22 -11.00 -2.25
N ARG A 97 11.32 -10.21 -1.67
CA ARG A 97 10.95 -8.94 -2.27
C ARG A 97 10.66 -7.91 -1.17
N ARG A 98 10.43 -6.68 -1.61
CA ARG A 98 10.21 -5.55 -0.72
C ARG A 98 8.79 -5.61 -0.14
N TYR A 99 8.69 -5.47 1.18
CA TYR A 99 7.43 -5.47 1.90
C TYR A 99 7.34 -4.32 2.87
N THR A 100 6.12 -3.84 3.08
CA THR A 100 5.84 -2.92 4.15
C THR A 100 5.15 -3.70 5.27
N ILE A 101 5.70 -3.60 6.46
CA ILE A 101 5.20 -4.32 7.63
C ILE A 101 4.39 -3.43 8.56
N ILE A 102 3.24 -3.93 9.00
CA ILE A 102 2.37 -3.22 9.93
C ILE A 102 2.53 -3.88 11.30
N PRO A 103 3.13 -3.16 12.25
CA PRO A 103 3.25 -3.75 13.60
C PRO A 103 2.08 -3.33 14.49
N LEU A 104 1.32 -4.31 14.96
CA LEU A 104 0.09 -4.04 15.71
C LEU A 104 0.32 -3.19 16.96
N ASN A 105 1.48 -3.35 17.59
CA ASN A 105 1.76 -2.61 18.82
C ASN A 105 2.09 -1.13 18.61
N LYS A 106 2.54 -0.79 17.40
CA LYS A 106 2.97 0.58 17.13
C LYS A 106 2.08 1.30 16.11
N ILE A 107 1.31 0.56 15.33
CA ILE A 107 0.60 1.16 14.21
C ILE A 107 -0.37 2.20 14.73
N SER A 108 -0.42 3.33 14.04
CA SER A 108 -1.24 4.44 14.47
C SER A 108 -1.92 5.09 13.26
N ALA A 109 -3.17 5.48 13.45
CA ALA A 109 -3.94 6.10 12.39
C ALA A 109 -5.08 6.94 12.95
N ARG A 110 -5.39 8.04 12.28
CA ARG A 110 -6.53 8.86 12.67
C ARG A 110 -7.81 8.37 11.98
N CYS A 111 -8.59 7.55 12.69
CA CYS A 111 -9.85 7.05 12.16
C CYS A 111 -10.82 8.16 11.82
N ILE A 112 -11.65 7.92 10.81
CA ILE A 112 -12.75 8.82 10.51
C ILE A 112 -13.68 8.91 11.71
N ALA A 113 -13.97 10.13 12.15
CA ALA A 113 -14.86 10.36 13.30
C ALA A 113 -16.32 10.11 12.93
N PRO A 114 -17.12 9.67 13.91
CA PRO A 114 -18.56 9.50 13.65
C PRO A 114 -19.17 10.80 13.13
N GLU A 115 -18.79 11.92 13.72
CA GLU A 115 -19.30 13.22 13.31
C GLU A 115 -18.94 13.51 11.86
N THR A 116 -17.79 13.03 11.44
CA THR A 116 -17.33 13.27 10.08
C THR A 116 -18.15 12.47 9.07
N LEU A 117 -18.45 11.21 9.39
CA LEU A 117 -19.31 10.41 8.52
C LEU A 117 -20.71 11.03 8.39
N ARG A 118 -21.22 11.46 9.55
CA ARG A 118 -22.48 12.22 9.66
C ARG A 118 -22.55 13.33 8.62
N VAL A 119 -21.57 14.23 8.68
CA VAL A 119 -21.46 15.33 7.73
C VAL A 119 -21.46 14.84 6.28
N ALA A 120 -20.65 13.82 6.00
CA ALA A 120 -20.58 13.27 4.64
C ALA A 120 -21.93 12.71 4.21
N GLN A 121 -22.63 12.05 5.14
CA GLN A 121 -23.94 11.45 4.85
C GLN A 121 -24.95 12.53 4.49
N ASN A 122 -24.99 13.60 5.27
CA ASN A 122 -25.88 14.72 4.98
C ASN A 122 -25.50 15.43 3.68
N LEU A 123 -24.22 15.37 3.33
CA LEU A 123 -23.74 16.03 2.12
C LEU A 123 -24.15 15.30 0.84
N VAL A 124 -23.97 13.97 0.80
CA VAL A 124 -24.23 13.24 -0.43
C VAL A 124 -25.25 12.12 -0.31
N GLY A 125 -25.77 11.89 0.90
CA GLY A 125 -26.73 10.84 1.12
C GLY A 125 -26.09 9.58 1.67
N PRO A 126 -26.64 9.04 2.76
CA PRO A 126 -26.05 7.91 3.49
C PRO A 126 -25.94 6.64 2.66
N ASP A 127 -26.70 6.55 1.57
CA ASP A 127 -26.54 5.42 0.64
C ASP A 127 -25.26 5.55 -0.20
N ASN A 128 -24.68 6.75 -0.23
CA ASN A 128 -23.62 7.04 -1.19
C ASN A 128 -22.25 7.28 -0.58
N VAL A 129 -22.11 7.07 0.73
CA VAL A 129 -20.82 7.27 1.38
C VAL A 129 -20.71 6.35 2.59
N HIS A 130 -19.58 5.63 2.65
CA HIS A 130 -19.33 4.71 3.74
C HIS A 130 -17.87 4.77 4.14
N VAL A 131 -17.58 4.56 5.41
CA VAL A 131 -16.21 4.37 5.80
C VAL A 131 -15.76 3.01 5.27
N ALA A 132 -14.60 2.97 4.59
CA ALA A 132 -14.15 1.74 3.96
C ALA A 132 -14.13 0.56 4.93
N LEU A 133 -13.65 0.80 6.14
CA LEU A 133 -13.56 -0.23 7.19
C LEU A 133 -14.88 -0.97 7.45
N SER A 134 -16.00 -0.28 7.24
CA SER A 134 -17.30 -0.88 7.51
C SER A 134 -17.67 -1.93 6.45
N LEU A 135 -16.86 -1.99 5.40
CA LEU A 135 -17.16 -2.87 4.28
C LEU A 135 -16.28 -4.11 4.26
N VAL A 136 -15.43 -4.29 5.26
CA VAL A 136 -14.62 -5.50 5.34
C VAL A 136 -14.83 -6.20 6.67
N GLU A 137 -14.76 -7.52 6.62
CA GLU A 137 -14.85 -8.35 7.82
C GLU A 137 -13.47 -8.93 8.09
N TYR A 138 -13.11 -9.01 9.36
CA TYR A 138 -11.76 -9.41 9.78
C TYR A 138 -11.81 -9.79 11.25
N LYS A 139 -10.84 -10.55 11.72
CA LYS A 139 -10.80 -10.88 13.16
C LYS A 139 -10.46 -9.66 14.00
N PRO A 140 -11.12 -9.53 15.17
CA PRO A 140 -10.96 -8.36 16.05
C PRO A 140 -9.52 -8.09 16.46
N GLU A 141 -8.67 -9.11 16.53
CA GLU A 141 -7.29 -8.89 16.98
C GLU A 141 -6.52 -8.01 15.99
N LEU A 142 -7.02 -7.92 14.75
CA LEU A 142 -6.38 -7.15 13.68
C LEU A 142 -6.92 -5.73 13.56
N GLN A 143 -7.78 -5.34 14.50
CA GLN A 143 -8.46 -4.05 14.44
C GLN A 143 -7.55 -2.86 14.11
N LYS A 144 -6.44 -2.73 14.84
CA LYS A 144 -5.54 -1.57 14.63
C LYS A 144 -4.93 -1.54 13.23
N ALA A 145 -4.57 -2.69 12.68
CA ALA A 145 -4.06 -2.71 11.30
C ALA A 145 -5.16 -2.30 10.30
N MET A 146 -6.37 -2.77 10.54
CA MET A 146 -7.45 -2.54 9.59
C MET A 146 -7.95 -1.12 9.68
N GLU A 147 -7.83 -0.51 10.86
CA GLU A 147 -8.13 0.91 11.00
C GLU A 147 -7.16 1.70 10.14
N PHE A 148 -5.90 1.32 10.18
CA PHE A 148 -4.86 1.98 9.40
C PHE A 148 -5.12 1.86 7.89
N VAL A 149 -5.53 0.69 7.44
CA VAL A 149 -5.66 0.47 6.00
C VAL A 149 -6.97 1.04 5.46
N PHE A 150 -8.06 0.84 6.19
CA PHE A 150 -9.41 1.09 5.70
C PHE A 150 -10.22 2.12 6.51
N GLY A 151 -9.74 2.45 7.71
CA GLY A 151 -10.50 3.33 8.57
C GLY A 151 -10.29 4.82 8.35
N THR A 152 -9.48 5.18 7.34
CA THR A 152 -9.19 6.60 7.12
C THR A 152 -9.66 7.10 5.77
N THR A 153 -10.46 6.29 5.09
CA THR A 153 -10.89 6.61 3.75
C THR A 153 -12.39 6.34 3.59
N PHE A 154 -13.08 7.22 2.89
CA PHE A 154 -14.44 6.98 2.44
C PHE A 154 -14.52 6.24 1.11
N VAL A 155 -15.58 5.45 0.96
CA VAL A 155 -15.95 4.88 -0.32
C VAL A 155 -17.25 5.56 -0.76
N CYS A 156 -17.22 6.20 -1.94
CA CYS A 156 -18.40 6.89 -2.49
C CYS A 156 -18.88 6.26 -3.80
N ASP A 157 -20.12 6.56 -4.18
CA ASP A 157 -20.67 5.94 -5.38
C ASP A 157 -20.08 6.52 -6.69
N ASN A 158 -19.90 7.83 -6.79
CA ASN A 158 -19.40 8.41 -8.04
C ASN A 158 -18.39 9.55 -7.85
N MET A 159 -17.71 9.92 -8.94
CA MET A 159 -16.66 10.94 -8.86
C MET A 159 -17.15 12.27 -8.30
N ASP A 160 -18.35 12.70 -8.72
CA ASP A 160 -18.86 13.99 -8.25
C ASP A 160 -19.07 14.02 -6.74
N ASN A 161 -19.62 12.94 -6.17
CA ASN A 161 -19.83 12.88 -4.74
C ASN A 161 -18.52 12.70 -3.97
N ALA A 162 -17.63 11.87 -4.50
CA ALA A 162 -16.30 11.69 -3.93
C ALA A 162 -15.57 13.03 -3.82
N LYS A 163 -15.64 13.83 -4.87
CA LYS A 163 -14.96 15.12 -4.90
C LYS A 163 -15.57 16.07 -3.87
N LYS A 164 -16.90 16.06 -3.79
CA LYS A 164 -17.58 16.91 -2.83
C LYS A 164 -17.25 16.54 -1.39
N VAL A 165 -17.11 15.24 -1.13
CA VAL A 165 -16.84 14.78 0.23
C VAL A 165 -15.37 15.00 0.60
N ALA A 166 -14.47 14.66 -0.32
CA ALA A 166 -13.04 14.76 -0.06
C ALA A 166 -12.63 16.17 0.29
N PHE A 167 -13.14 17.13 -0.49
CA PHE A 167 -12.66 18.49 -0.35
C PHE A 167 -13.58 19.40 0.45
N ASP A 168 -14.59 18.83 1.11
CA ASP A 168 -15.39 19.63 2.05
C ASP A 168 -14.54 20.00 3.27
N LYS A 169 -14.51 21.29 3.62
CA LYS A 169 -13.66 21.77 4.73
C LYS A 169 -13.97 21.14 6.08
N ARG A 170 -15.18 20.62 6.21
CA ARG A 170 -15.55 19.94 7.45
C ARG A 170 -15.09 18.49 7.43
N ILE A 171 -14.65 18.01 6.28
CA ILE A 171 -14.35 16.59 6.14
C ILE A 171 -12.88 16.35 5.82
N MET A 172 -12.43 16.89 4.69
CA MET A 172 -11.01 16.81 4.31
C MET A 172 -10.52 15.39 4.46
N THR A 173 -11.18 14.45 3.80
CA THR A 173 -10.87 13.04 3.95
C THR A 173 -10.73 12.33 2.60
N ARG A 174 -9.70 11.49 2.49
CA ARG A 174 -9.47 10.65 1.32
C ARG A 174 -10.76 9.91 0.89
N THR A 175 -11.09 9.95 -0.39
CA THR A 175 -12.28 9.24 -0.87
C THR A 175 -11.98 8.43 -2.12
N VAL A 176 -12.64 7.29 -2.24
CA VAL A 176 -12.49 6.46 -3.42
C VAL A 176 -13.86 6.16 -4.00
N THR A 177 -13.99 6.24 -5.31
CA THR A 177 -15.26 5.88 -5.95
C THR A 177 -15.39 4.37 -6.19
N LEU A 178 -16.58 3.91 -6.55
CA LEU A 178 -16.78 2.52 -6.91
C LEU A 178 -15.96 2.12 -8.14
N GLY A 179 -15.67 3.10 -9.00
CA GLY A 179 -14.87 2.85 -10.19
C GLY A 179 -13.37 2.92 -9.93
N GLY A 180 -13.01 3.30 -8.71
CA GLY A 180 -11.63 3.32 -8.28
C GLY A 180 -10.92 4.65 -8.47
N ASP A 181 -11.67 5.74 -8.60
CA ASP A 181 -11.05 7.07 -8.64
C ASP A 181 -10.70 7.48 -7.22
N VAL A 182 -9.50 8.02 -7.01
CA VAL A 182 -9.08 8.32 -5.64
C VAL A 182 -8.83 9.82 -5.48
N PHE A 183 -9.61 10.46 -4.63
CA PHE A 183 -9.37 11.86 -4.28
C PHE A 183 -8.66 11.97 -2.94
N ASP A 184 -7.53 12.68 -2.92
CA ASP A 184 -6.86 12.94 -1.66
C ASP A 184 -7.02 14.41 -1.37
N PRO A 185 -7.55 14.72 -0.18
CA PRO A 185 -7.80 16.12 0.19
C PRO A 185 -6.54 17.00 0.19
N HIS A 186 -5.35 16.39 0.26
CA HIS A 186 -4.10 17.15 0.13
C HIS A 186 -3.96 17.78 -1.25
N GLY A 187 -4.71 17.28 -2.22
CA GLY A 187 -4.73 17.88 -3.55
C GLY A 187 -4.28 16.97 -4.68
N THR A 188 -4.65 15.69 -4.63
CA THR A 188 -4.35 14.79 -5.74
C THR A 188 -5.60 14.03 -6.21
N LEU A 189 -5.55 13.55 -7.44
CA LEU A 189 -6.54 12.66 -8.01
C LEU A 189 -5.83 11.56 -8.76
N SER A 190 -6.19 10.31 -8.47
CA SER A 190 -5.65 9.18 -9.20
C SER A 190 -6.77 8.46 -9.92
N GLY A 191 -6.56 8.16 -11.19
CA GLY A 191 -7.56 7.40 -11.91
C GLY A 191 -7.22 7.24 -13.37
N GLY A 192 -8.14 6.65 -14.13
CA GLY A 192 -7.94 6.43 -15.54
C GLY A 192 -8.57 5.12 -15.94
N ALA A 193 -8.05 4.51 -17.00
CA ALA A 193 -8.56 3.25 -17.52
C ALA A 193 -8.13 2.07 -16.64
N ARG A 194 -9.08 1.39 -16.04
CA ARG A 194 -8.76 0.23 -15.21
C ARG A 194 -9.34 -1.03 -15.84
N SER A 195 -8.58 -2.12 -15.78
CA SER A 195 -9.03 -3.40 -16.31
C SER A 195 -10.34 -3.82 -15.67
N GLN A 196 -11.16 -4.53 -16.43
CA GLN A 196 -12.38 -5.11 -15.88
C GLN A 196 -12.17 -6.58 -15.51
N ALA A 197 -10.92 -7.05 -15.64
CA ALA A 197 -10.55 -8.36 -15.15
C ALA A 197 -10.80 -8.44 -13.64
N ALA A 198 -10.95 -9.64 -13.12
CA ALA A 198 -11.26 -9.85 -11.71
C ALA A 198 -10.24 -9.14 -10.82
N SER A 199 -10.75 -8.43 -9.82
CA SER A 199 -9.91 -7.84 -8.79
C SER A 199 -9.05 -8.89 -8.13
N ILE A 200 -7.79 -8.52 -7.83
CA ILE A 200 -6.93 -9.41 -7.07
C ILE A 200 -7.60 -9.80 -5.74
N LEU A 201 -8.50 -8.97 -5.22
CA LEU A 201 -9.18 -9.34 -3.98
C LEU A 201 -9.99 -10.64 -4.10
N THR A 202 -10.53 -10.93 -5.29
CA THR A 202 -11.27 -12.18 -5.48
C THR A 202 -10.31 -13.36 -5.36
N LYS A 203 -9.07 -13.17 -5.78
CA LYS A 203 -8.08 -14.24 -5.72
C LYS A 203 -7.63 -14.46 -4.28
N PHE A 204 -7.40 -13.37 -3.56
CA PHE A 204 -7.09 -13.51 -2.15
C PHE A 204 -8.20 -14.22 -1.41
N GLN A 205 -9.44 -13.92 -1.78
CA GLN A 205 -10.57 -14.53 -1.09
C GLN A 205 -10.65 -16.02 -1.39
N GLU A 206 -10.43 -16.35 -2.66
CA GLU A 206 -10.45 -17.72 -3.10
C GLU A 206 -9.38 -18.50 -2.32
N LEU A 207 -8.21 -17.89 -2.13
CA LEU A 207 -7.12 -18.53 -1.38
C LEU A 207 -7.45 -18.62 0.11
N LYS A 208 -8.02 -17.54 0.66
CA LYS A 208 -8.44 -17.51 2.05
C LYS A 208 -9.42 -18.65 2.40
N ASP A 209 -10.38 -18.91 1.49
CA ASP A 209 -11.34 -19.99 1.71
C ASP A 209 -10.65 -21.35 1.83
N VAL A 210 -9.65 -21.56 0.97
CA VAL A 210 -8.85 -22.77 1.04
C VAL A 210 -8.04 -22.84 2.33
N GLN A 211 -7.37 -21.74 2.68
CA GLN A 211 -6.56 -21.65 3.89
C GLN A 211 -7.40 -21.92 5.13
N ASP A 212 -8.61 -21.36 5.14
CA ASP A 212 -9.51 -21.48 6.29
C ASP A 212 -9.99 -22.92 6.45
N GLU A 213 -10.34 -23.56 5.33
CA GLU A 213 -10.85 -24.92 5.41
C GLU A 213 -9.73 -25.87 5.79
N LEU A 214 -8.54 -25.61 5.24
CA LEU A 214 -7.34 -26.36 5.58
C LEU A 214 -7.02 -26.30 7.07
N ARG A 215 -7.12 -25.10 7.64
CA ARG A 215 -6.80 -24.89 9.05
C ARG A 215 -7.75 -25.70 9.92
N ILE A 216 -9.03 -25.68 9.56
CA ILE A 216 -10.02 -26.41 10.34
C ILE A 216 -9.75 -27.91 10.29
N LYS A 217 -9.47 -28.44 9.10
CA LYS A 217 -9.22 -29.89 8.96
C LYS A 217 -7.93 -30.33 9.62
N GLU A 218 -6.87 -29.51 9.50
CA GLU A 218 -5.61 -29.85 10.15
C GLU A 218 -5.77 -29.90 11.66
N ASN A 219 -6.57 -28.99 12.21
CA ASN A 219 -6.90 -28.98 13.63
C ASN A 219 -7.77 -30.19 14.03
N GLU A 220 -8.81 -30.47 13.25
CA GLU A 220 -9.64 -31.66 13.43
C GLU A 220 -8.79 -32.92 13.52
N LEU A 221 -7.88 -33.07 12.55
CA LEU A 221 -7.03 -34.26 12.46
C LEU A 221 -6.04 -34.36 13.61
N ARG A 222 -5.44 -33.24 13.99
CA ARG A 222 -4.51 -33.23 15.11
C ARG A 222 -5.22 -33.72 16.38
N ALA A 223 -6.44 -33.25 16.58
CA ALA A 223 -7.23 -33.59 17.77
C ALA A 223 -7.65 -35.06 17.73
N LEU A 224 -8.10 -35.51 16.56
CA LEU A 224 -8.51 -36.87 16.38
C LEU A 224 -7.34 -37.81 16.61
N GLU A 225 -6.16 -37.42 16.14
CA GLU A 225 -5.00 -38.28 16.26
C GLU A 225 -4.51 -38.36 17.70
N GLU A 226 -4.67 -37.26 18.43
CA GLU A 226 -4.40 -37.24 19.87
C GLU A 226 -5.23 -38.30 20.58
N GLU A 227 -6.52 -38.35 20.26
CA GLU A 227 -7.40 -39.26 20.96
C GLU A 227 -7.21 -40.71 20.51
N LEU A 228 -6.93 -40.91 19.24
CA LEU A 228 -6.61 -42.25 18.74
C LEU A 228 -5.41 -42.80 19.49
N ALA A 229 -4.42 -41.94 19.68
CA ALA A 229 -3.21 -42.30 20.41
C ALA A 229 -3.57 -42.70 21.83
N GLY A 230 -4.61 -42.09 22.36
CA GLY A 230 -5.04 -42.32 23.72
C GLY A 230 -5.74 -43.65 23.95
N LEU A 231 -6.13 -44.32 22.87
CA LEU A 231 -6.81 -45.61 23.00
C LEU A 231 -5.86 -46.68 23.58
N LYS A 232 -4.57 -46.48 23.40
CA LYS A 232 -3.55 -47.40 23.93
C LYS A 232 -3.24 -47.12 25.39
N PHE B 10 12.10 -27.02 -0.57
CA PHE B 10 12.22 -27.19 -2.03
C PHE B 10 11.00 -26.69 -2.77
N LYS B 11 9.80 -27.03 -2.29
CA LYS B 11 8.60 -26.42 -2.84
C LYS B 11 8.64 -24.92 -2.53
N SER B 12 9.29 -24.57 -1.42
CA SER B 12 9.49 -23.16 -1.10
C SER B 12 10.51 -22.58 -2.06
N LEU B 13 11.45 -23.41 -2.50
CA LEU B 13 12.44 -22.98 -3.47
C LEU B 13 11.78 -22.72 -4.83
N VAL B 14 10.90 -23.63 -5.24
CA VAL B 14 10.15 -23.47 -6.48
C VAL B 14 9.29 -22.22 -6.44
N HIS B 15 8.57 -22.02 -5.34
CA HIS B 15 7.68 -20.86 -5.24
C HIS B 15 8.45 -19.54 -5.11
N ASP B 16 9.63 -19.58 -4.48
CA ASP B 16 10.54 -18.44 -4.54
C ASP B 16 10.83 -18.02 -5.99
N LEU B 17 10.99 -19.00 -6.87
CA LEU B 17 11.29 -18.69 -8.27
C LEU B 17 10.06 -18.18 -9.01
N PHE B 18 8.89 -18.74 -8.70
CA PHE B 18 7.63 -18.19 -9.22
C PHE B 18 7.50 -16.71 -8.85
N GLN B 19 7.77 -16.43 -7.59
CA GLN B 19 7.59 -15.09 -7.06
C GLN B 19 8.53 -14.11 -7.76
N LYS B 20 9.80 -14.51 -7.91
CA LYS B 20 10.78 -13.66 -8.59
C LYS B 20 10.42 -13.39 -10.05
N VAL B 21 9.98 -14.44 -10.73
CA VAL B 21 9.52 -14.31 -12.11
C VAL B 21 8.35 -13.32 -12.17
N GLU B 22 7.40 -13.47 -11.24
CA GLU B 22 6.24 -12.60 -11.21
C GLU B 22 6.62 -11.14 -10.97
N GLU B 23 7.59 -10.91 -10.09
CA GLU B 23 8.08 -9.56 -9.80
C GLU B 23 8.69 -8.89 -11.03
N ALA B 24 9.50 -9.66 -11.77
CA ALA B 24 10.09 -9.16 -13.01
C ALA B 24 9.01 -8.78 -14.02
N LYS B 25 8.00 -9.65 -14.16
CA LYS B 25 6.89 -9.38 -15.08
C LYS B 25 6.12 -8.14 -14.67
N SER B 26 5.85 -8.04 -13.37
CA SER B 26 5.09 -6.91 -12.83
C SER B 26 5.82 -5.59 -13.01
N SER B 27 7.12 -5.58 -12.71
CA SER B 27 7.93 -4.39 -12.90
C SER B 27 7.97 -3.95 -14.35
N LEU B 28 8.19 -4.89 -15.25
CA LEU B 28 8.22 -4.60 -16.67
C LEU B 28 6.91 -3.95 -17.12
N ALA B 29 5.81 -4.56 -16.70
CA ALA B 29 4.52 -4.12 -17.17
C ALA B 29 4.19 -2.75 -16.58
N MET B 30 4.50 -2.57 -15.31
CA MET B 30 4.12 -1.33 -14.66
C MET B 30 5.00 -0.19 -15.14
N ASN B 31 6.27 -0.46 -15.40
CA ASN B 31 7.16 0.58 -15.91
C ASN B 31 6.76 1.01 -17.32
N ARG B 32 6.39 0.06 -18.17
CA ARG B 32 5.92 0.40 -19.51
C ARG B 32 4.62 1.19 -19.47
N SER B 33 3.70 0.75 -18.62
CA SER B 33 2.40 1.41 -18.49
C SER B 33 2.56 2.86 -18.04
N ARG B 34 3.40 3.07 -17.02
CA ARG B 34 3.70 4.39 -16.52
C ARG B 34 4.29 5.30 -17.62
N GLY B 35 5.18 4.74 -18.43
CA GLY B 35 5.80 5.52 -19.51
C GLY B 35 4.79 5.84 -20.59
N LYS B 36 3.91 4.88 -20.87
CA LYS B 36 2.86 5.05 -21.87
C LYS B 36 1.87 6.15 -21.47
N VAL B 37 1.40 6.08 -20.23
CA VAL B 37 0.49 7.09 -19.68
C VAL B 37 1.13 8.48 -19.70
N LEU B 38 2.36 8.59 -19.21
CA LEU B 38 3.04 9.90 -19.19
C LEU B 38 3.20 10.45 -20.63
N ASP B 39 3.61 9.61 -21.57
CA ASP B 39 3.80 10.11 -22.94
C ASP B 39 2.49 10.58 -23.58
N ALA B 40 1.40 9.88 -23.26
CA ALA B 40 0.08 10.28 -23.74
C ALA B 40 -0.29 11.64 -23.18
N ILE B 41 -0.06 11.82 -21.89
CA ILE B 41 -0.40 13.08 -21.24
C ILE B 41 0.45 14.21 -21.81
N ILE B 42 1.72 13.93 -22.05
CA ILE B 42 2.60 14.98 -22.58
C ILE B 42 2.21 15.33 -24.02
N GLN B 43 1.64 14.37 -24.76
CA GLN B 43 1.16 14.71 -26.12
C GLN B 43 -0.05 15.63 -26.04
N GLU B 44 -0.93 15.42 -25.06
CA GLU B 44 -2.06 16.33 -24.86
C GLU B 44 -1.58 17.74 -24.48
N LYS B 45 -0.52 17.81 -23.66
CA LYS B 45 0.08 19.11 -23.35
C LYS B 45 0.68 19.76 -24.62
N LYS B 46 1.49 19.00 -25.36
CA LYS B 46 2.15 19.56 -26.55
C LYS B 46 1.18 20.02 -27.62
N SER B 47 0.14 19.22 -27.85
CA SER B 47 -0.89 19.55 -28.83
C SER B 47 -1.75 20.72 -28.38
N GLY B 48 -1.69 21.03 -27.09
CA GLY B 48 -2.57 22.02 -26.51
C GLY B 48 -4.02 21.57 -26.29
N ARG B 49 -4.31 20.29 -26.54
CA ARG B 49 -5.68 19.81 -26.30
C ARG B 49 -6.08 19.86 -24.83
N ILE B 50 -5.11 19.72 -23.93
CA ILE B 50 -5.38 19.90 -22.52
C ILE B 50 -4.39 20.91 -21.97
N PRO B 51 -4.89 22.08 -21.56
CA PRO B 51 -4.04 23.14 -20.99
C PRO B 51 -3.71 22.85 -19.53
N GLY B 52 -2.64 23.45 -19.03
CA GLY B 52 -2.35 23.41 -17.60
C GLY B 52 -1.59 22.19 -17.10
N ILE B 53 -0.95 21.47 -18.02
CA ILE B 53 -0.16 20.32 -17.65
C ILE B 53 1.30 20.72 -17.52
N TYR B 54 1.98 20.30 -16.46
CA TYR B 54 3.42 20.54 -16.34
C TYR B 54 4.21 19.30 -16.73
N GLY B 55 4.14 18.29 -15.88
CA GLY B 55 4.82 17.04 -16.17
C GLY B 55 5.02 16.30 -14.87
N ARG B 56 5.76 15.20 -14.91
CA ARG B 56 5.99 14.43 -13.70
C ARG B 56 6.86 15.22 -12.72
N LEU B 57 6.54 15.07 -11.44
CA LEU B 57 7.16 15.89 -10.42
C LEU B 57 8.67 15.67 -10.38
N GLY B 58 9.10 14.41 -10.52
CA GLY B 58 10.51 14.09 -10.45
C GLY B 58 11.36 14.79 -11.50
N ASP B 59 10.76 15.19 -12.62
CA ASP B 59 11.53 15.89 -13.65
C ASP B 59 11.81 17.36 -13.28
N LEU B 60 11.13 17.84 -12.25
CA LEU B 60 11.19 19.25 -11.89
C LEU B 60 12.15 19.53 -10.72
N GLY B 61 12.84 18.50 -10.28
CA GLY B 61 13.78 18.68 -9.18
C GLY B 61 15.07 17.94 -9.46
N ALA B 62 16.13 18.33 -8.75
CA ALA B 62 17.39 17.62 -8.85
C ALA B 62 17.90 17.30 -7.45
N ILE B 63 18.68 16.24 -7.31
CA ILE B 63 19.23 15.89 -6.01
C ILE B 63 20.59 15.23 -6.18
N ASP B 64 21.47 15.48 -5.22
CA ASP B 64 22.76 14.81 -5.12
C ASP B 64 22.59 13.30 -5.25
N GLU B 65 23.38 12.69 -6.12
CA GLU B 65 23.38 11.24 -6.37
C GLU B 65 23.41 10.35 -5.12
N LYS B 66 24.00 10.87 -4.05
CA LYS B 66 24.12 10.12 -2.80
C LYS B 66 22.73 9.74 -2.28
N TYR B 67 21.75 10.56 -2.60
CA TYR B 67 20.41 10.39 -2.06
C TYR B 67 19.43 9.82 -3.09
N ASP B 68 19.97 9.38 -4.22
CA ASP B 68 19.16 8.86 -5.34
C ASP B 68 18.27 7.71 -4.88
N VAL B 69 18.87 6.71 -4.24
CA VAL B 69 18.09 5.56 -3.78
C VAL B 69 17.08 5.98 -2.71
N ALA B 70 17.48 6.85 -1.81
CA ALA B 70 16.58 7.29 -0.75
C ALA B 70 15.30 7.94 -1.29
N ILE B 71 15.42 8.93 -2.15
CA ILE B 71 14.24 9.65 -2.56
C ILE B 71 13.45 8.80 -3.55
N SER B 72 14.15 8.02 -4.38
CA SER B 72 13.47 7.12 -5.29
C SER B 72 12.66 6.09 -4.52
N SER B 73 13.17 5.66 -3.37
CA SER B 73 12.47 4.63 -2.62
C SER B 73 11.30 5.18 -1.79
N CYS B 74 11.39 6.42 -1.32
CA CYS B 74 10.38 6.85 -0.35
C CYS B 74 9.42 7.90 -0.88
N CYS B 75 9.54 8.28 -2.14
CA CYS B 75 8.72 9.36 -2.67
C CYS B 75 7.95 8.92 -3.93
N HIS B 76 6.82 8.25 -3.74
CA HIS B 76 5.98 7.82 -4.86
C HIS B 76 5.54 9.01 -5.73
N ALA B 77 5.38 10.16 -5.07
CA ALA B 77 4.89 11.36 -5.72
C ALA B 77 5.79 11.84 -6.86
N LEU B 78 7.02 11.35 -6.92
CA LEU B 78 7.89 11.71 -8.05
C LEU B 78 7.29 11.31 -9.40
N ASP B 79 6.42 10.29 -9.39
CA ASP B 79 5.76 9.90 -10.62
C ASP B 79 4.38 10.54 -10.78
N TYR B 80 3.96 11.37 -9.83
CA TYR B 80 2.70 12.09 -10.00
C TYR B 80 2.89 13.16 -11.07
N ILE B 81 1.82 13.44 -11.78
CA ILE B 81 1.87 14.42 -12.84
C ILE B 81 1.32 15.75 -12.34
N VAL B 82 2.18 16.77 -12.34
CA VAL B 82 1.80 18.09 -11.86
C VAL B 82 0.97 18.81 -12.93
N VAL B 83 -0.21 19.27 -12.53
CA VAL B 83 -1.11 20.01 -13.40
C VAL B 83 -1.61 21.20 -12.59
N ASP B 84 -2.29 22.15 -13.23
CA ASP B 84 -2.66 23.41 -12.54
C ASP B 84 -3.66 23.25 -11.40
N SER B 85 -4.58 22.30 -11.53
CA SER B 85 -5.70 22.17 -10.60
C SER B 85 -6.30 20.78 -10.66
N ILE B 86 -7.21 20.51 -9.73
CA ILE B 86 -7.96 19.25 -9.75
C ILE B 86 -8.87 19.20 -10.98
N ASP B 87 -9.36 20.36 -11.44
CA ASP B 87 -10.11 20.42 -12.70
C ASP B 87 -9.33 19.86 -13.88
N ILE B 88 -8.09 20.31 -14.05
CA ILE B 88 -7.27 19.75 -15.11
C ILE B 88 -7.00 18.27 -14.86
N ALA B 89 -6.79 17.89 -13.60
CA ALA B 89 -6.59 16.48 -13.25
C ALA B 89 -7.78 15.66 -13.74
N GLN B 90 -8.98 16.21 -13.58
CA GLN B 90 -10.19 15.48 -13.98
C GLN B 90 -10.31 15.33 -15.49
N GLU B 91 -9.87 16.36 -16.22
CA GLU B 91 -9.82 16.30 -17.67
C GLU B 91 -8.83 15.23 -18.13
N CYS B 92 -7.68 15.15 -17.46
CA CYS B 92 -6.68 14.13 -17.79
C CYS B 92 -7.19 12.72 -17.52
N VAL B 93 -7.84 12.53 -16.38
CA VAL B 93 -8.36 11.22 -16.02
C VAL B 93 -9.44 10.83 -17.02
N ASN B 94 -10.31 11.76 -17.40
CA ASN B 94 -11.29 11.44 -18.45
C ASN B 94 -10.62 11.01 -19.74
N PHE B 95 -9.57 11.74 -20.15
CA PHE B 95 -8.83 11.41 -21.34
C PHE B 95 -8.26 9.99 -21.28
N LEU B 96 -7.67 9.64 -20.14
CA LEU B 96 -7.06 8.33 -19.98
C LEU B 96 -8.11 7.22 -20.08
N LYS B 97 -9.30 7.50 -19.55
CA LYS B 97 -10.39 6.53 -19.54
C LYS B 97 -10.93 6.34 -20.95
N ARG B 98 -11.27 7.45 -21.60
CA ARG B 98 -11.86 7.40 -22.94
C ARG B 98 -10.99 6.71 -23.97
N GLN B 99 -9.67 6.91 -23.90
CA GLN B 99 -8.80 6.23 -24.84
C GLN B 99 -8.18 4.96 -24.26
N ASN B 100 -8.70 4.51 -23.11
CA ASN B 100 -8.26 3.24 -22.52
C ASN B 100 -6.75 3.15 -22.41
N ILE B 101 -6.14 4.21 -21.90
CA ILE B 101 -4.68 4.29 -21.89
C ILE B 101 -4.03 3.73 -20.63
N GLY B 102 -4.52 4.15 -19.47
CA GLY B 102 -3.99 3.65 -18.21
C GLY B 102 -4.36 4.58 -17.10
N VAL B 103 -3.58 4.55 -16.01
CA VAL B 103 -3.91 5.30 -14.81
C VAL B 103 -2.71 6.15 -14.40
N ALA B 104 -2.96 7.33 -13.83
CA ALA B 104 -1.91 8.14 -13.22
C ALA B 104 -2.46 8.89 -12.02
N THR B 105 -1.54 9.42 -11.21
CA THR B 105 -1.92 10.28 -10.10
C THR B 105 -1.49 11.70 -10.45
N PHE B 106 -2.38 12.65 -10.25
CA PHE B 106 -2.16 14.04 -10.62
C PHE B 106 -2.16 14.93 -9.40
N ILE B 107 -1.23 15.87 -9.36
CA ILE B 107 -1.18 16.87 -8.30
C ILE B 107 -1.80 18.18 -8.78
N GLY B 108 -2.78 18.70 -8.04
CA GLY B 108 -3.34 20.01 -8.37
C GLY B 108 -2.44 21.06 -7.76
N LEU B 109 -1.71 21.79 -8.59
CA LEU B 109 -0.65 22.64 -8.08
C LEU B 109 -1.24 23.78 -7.23
N ASP B 110 -2.44 24.24 -7.58
CA ASP B 110 -3.09 25.28 -6.79
C ASP B 110 -3.30 24.86 -5.34
N LYS B 111 -3.50 23.57 -5.10
CA LYS B 111 -3.67 23.06 -3.73
C LYS B 111 -2.37 23.09 -2.92
N MET B 112 -1.24 23.22 -3.61
CA MET B 112 0.05 23.14 -2.93
C MET B 112 0.41 24.42 -2.18
N ALA B 113 -0.33 25.49 -2.44
CA ALA B 113 0.00 26.81 -1.89
C ALA B 113 -0.12 26.85 -0.36
N VAL B 114 -0.85 25.90 0.21
CA VAL B 114 -0.99 25.81 1.67
C VAL B 114 0.35 25.60 2.36
N TRP B 115 1.36 25.19 1.60
CA TRP B 115 2.64 24.91 2.20
C TRP B 115 3.60 26.09 2.12
N ALA B 116 3.12 27.20 1.57
CA ALA B 116 3.96 28.34 1.21
C ALA B 116 4.84 28.84 2.36
N LYS B 117 4.30 28.82 3.57
CA LYS B 117 4.99 29.35 4.73
C LYS B 117 5.36 28.24 5.71
N LYS B 118 5.42 27.01 5.22
CA LYS B 118 5.56 25.86 6.10
C LYS B 118 6.89 25.14 5.91
N MET B 119 7.76 25.71 5.08
CA MET B 119 8.92 24.99 4.58
C MET B 119 10.24 25.35 5.26
N THR B 120 10.19 26.26 6.23
CA THR B 120 11.43 26.74 6.83
C THR B 120 12.19 25.60 7.49
N GLU B 121 13.51 25.70 7.47
CA GLU B 121 14.38 24.65 8.00
C GLU B 121 14.14 24.40 9.48
N ILE B 122 14.39 23.16 9.91
CA ILE B 122 14.12 22.76 11.28
C ILE B 122 15.29 22.03 11.90
N GLN B 123 15.30 21.98 13.22
CA GLN B 123 16.19 21.11 13.96
C GLN B 123 15.70 19.67 13.77
N THR B 124 16.63 18.74 13.58
CA THR B 124 16.27 17.34 13.37
C THR B 124 17.02 16.39 14.31
N PRO B 125 16.42 15.22 14.61
CA PRO B 125 17.06 14.19 15.44
C PRO B 125 18.40 13.72 14.88
N GLU B 126 19.41 13.74 15.75
CA GLU B 126 20.79 13.40 15.40
C GLU B 126 21.29 14.19 14.19
N ASN B 127 20.77 15.41 14.03
CA ASN B 127 21.14 16.29 12.94
C ASN B 127 21.10 15.60 11.57
N THR B 128 20.17 14.68 11.40
CA THR B 128 19.98 14.03 10.10
C THR B 128 19.45 15.04 9.08
N PRO B 129 19.81 14.87 7.80
CA PRO B 129 19.29 15.76 6.75
C PRO B 129 17.80 15.56 6.57
N ARG B 130 17.06 16.64 6.37
CA ARG B 130 15.68 16.56 5.94
C ARG B 130 15.69 16.49 4.41
N LEU B 131 15.16 15.38 3.86
CA LEU B 131 15.24 15.10 2.42
C LEU B 131 14.75 16.27 1.55
N PHE B 132 13.69 16.93 1.99
CA PHE B 132 13.14 18.06 1.24
C PHE B 132 14.20 19.14 1.00
N ASP B 133 15.06 19.38 1.99
CA ASP B 133 16.10 20.41 1.86
C ASP B 133 17.18 20.05 0.84
N LEU B 134 17.27 18.78 0.48
CA LEU B 134 18.29 18.31 -0.44
C LEU B 134 17.85 18.45 -1.89
N VAL B 135 16.57 18.72 -2.11
CA VAL B 135 16.02 18.83 -3.46
C VAL B 135 16.18 20.26 -4.00
N LYS B 136 16.87 20.37 -5.14
CA LYS B 136 17.08 21.65 -5.81
C LYS B 136 15.94 21.92 -6.76
N VAL B 137 15.28 23.05 -6.59
CA VAL B 137 14.11 23.41 -7.39
C VAL B 137 14.22 24.83 -7.87
N LYS B 138 13.66 25.13 -9.05
CA LYS B 138 13.59 26.49 -9.56
C LYS B 138 12.37 27.22 -8.99
N ASP B 139 11.19 26.75 -9.38
CA ASP B 139 9.93 27.43 -9.13
C ASP B 139 9.39 27.20 -7.71
N GLU B 140 8.95 28.27 -7.07
CA GLU B 140 8.49 28.20 -5.69
C GLU B 140 7.19 27.39 -5.56
N LYS B 141 6.31 27.45 -6.56
CA LYS B 141 5.14 26.58 -6.54
C LYS B 141 5.55 25.10 -6.60
N ILE B 142 6.59 24.81 -7.36
CA ILE B 142 7.04 23.42 -7.45
C ILE B 142 7.71 23.01 -6.14
N ARG B 143 8.38 23.96 -5.50
CA ARG B 143 9.01 23.66 -4.22
C ARG B 143 7.94 23.25 -3.20
N GLN B 144 6.79 23.93 -3.26
CA GLN B 144 5.66 23.64 -2.38
C GLN B 144 5.14 22.23 -2.63
N ALA B 145 5.06 21.84 -3.90
CA ALA B 145 4.70 20.48 -4.28
C ALA B 145 5.68 19.45 -3.72
N PHE B 146 6.97 19.76 -3.73
CA PHE B 146 7.95 18.85 -3.15
C PHE B 146 7.79 18.73 -1.64
N TYR B 147 7.37 19.81 -1.00
CA TYR B 147 7.15 19.75 0.42
C TYR B 147 5.92 18.90 0.72
N PHE B 148 4.88 19.06 -0.09
CA PHE B 148 3.74 18.14 -0.01
C PHE B 148 4.23 16.70 -0.10
N ALA B 149 5.13 16.45 -1.05
CA ALA B 149 5.57 15.10 -1.35
C ALA B 149 6.44 14.50 -0.24
N LEU B 150 7.28 15.33 0.37
CA LEU B 150 8.36 14.84 1.23
C LEU B 150 8.18 15.22 2.70
N ARG B 151 7.53 16.36 2.92
CA ARG B 151 7.29 16.90 4.26
C ARG B 151 8.58 16.90 5.08
N ASP B 152 8.58 16.33 6.28
CA ASP B 152 9.79 16.35 7.11
C ASP B 152 10.47 14.99 7.18
N THR B 153 10.43 14.27 6.07
CA THR B 153 11.18 13.03 5.92
C THR B 153 12.68 13.24 6.16
N LEU B 154 13.23 12.41 7.04
CA LEU B 154 14.65 12.44 7.38
C LEU B 154 15.41 11.36 6.61
N VAL B 155 16.70 11.59 6.38
CA VAL B 155 17.56 10.56 5.79
C VAL B 155 18.47 9.99 6.88
N ALA B 156 18.43 8.67 7.05
CA ALA B 156 19.30 8.03 8.02
C ALA B 156 20.36 7.23 7.29
N ASP B 157 21.47 6.97 7.96
CA ASP B 157 22.59 6.26 7.35
C ASP B 157 22.32 4.77 7.23
N ASN B 158 21.51 4.25 8.14
CA ASN B 158 21.25 2.82 8.21
C ASN B 158 19.96 2.54 9.00
N LEU B 159 19.51 1.28 9.01
CA LEU B 159 18.24 0.94 9.66
C LEU B 159 18.24 1.16 11.19
N ASP B 160 19.37 0.91 11.85
CA ASP B 160 19.48 1.20 13.28
C ASP B 160 19.23 2.69 13.57
N GLN B 161 19.94 3.57 12.86
CA GLN B 161 19.72 4.99 13.09
C GLN B 161 18.26 5.35 12.78
N ALA B 162 17.72 4.80 11.70
CA ALA B 162 16.33 5.05 11.35
C ALA B 162 15.41 4.70 12.52
N THR B 163 15.61 3.54 13.11
CA THR B 163 14.70 3.10 14.17
C THR B 163 14.86 4.01 15.38
N ARG B 164 16.08 4.47 15.59
CA ARG B 164 16.36 5.40 16.67
C ARG B 164 15.64 6.73 16.45
N VAL B 165 15.80 7.32 15.27
CA VAL B 165 15.22 8.64 15.05
C VAL B 165 13.71 8.58 14.83
N ALA B 166 13.19 7.44 14.40
CA ALA B 166 11.78 7.34 14.06
C ALA B 166 10.94 7.16 15.29
N TYR B 167 11.34 6.15 16.08
CA TYR B 167 10.57 5.61 17.20
C TYR B 167 10.95 6.18 18.56
N GLN B 168 12.23 6.51 18.73
CA GLN B 168 12.78 6.77 20.08
C GLN B 168 12.73 8.21 20.56
N LYS B 169 12.32 9.15 19.71
CA LYS B 169 12.28 10.54 20.14
C LYS B 169 10.93 10.91 20.76
N ASP B 170 10.83 12.14 21.26
CA ASP B 170 9.63 12.67 21.90
C ASP B 170 8.43 12.71 20.95
N ARG B 171 8.70 12.44 19.68
CA ARG B 171 7.79 12.68 18.57
C ARG B 171 8.11 11.62 17.53
N ARG B 172 7.17 11.28 16.65
CA ARG B 172 7.52 10.34 15.58
C ARG B 172 7.97 11.07 14.32
N TRP B 173 8.97 10.50 13.65
CA TRP B 173 9.46 11.06 12.40
C TRP B 173 9.40 10.03 11.29
N ARG B 174 9.18 10.51 10.07
CA ARG B 174 9.31 9.67 8.89
C ARG B 174 10.76 9.65 8.48
N VAL B 175 11.30 8.47 8.23
CA VAL B 175 12.72 8.38 7.92
C VAL B 175 12.99 7.37 6.82
N VAL B 176 13.84 7.74 5.88
CA VAL B 176 14.32 6.78 4.89
C VAL B 176 15.82 6.57 5.07
N THR B 177 16.29 5.35 4.85
CA THR B 177 17.72 5.10 4.90
C THR B 177 18.35 5.33 3.53
N LEU B 178 19.67 5.47 3.50
CA LEU B 178 20.37 5.62 2.22
C LEU B 178 20.16 4.40 1.33
N GLN B 179 19.82 3.25 1.94
CA GLN B 179 19.57 1.99 1.22
C GLN B 179 18.10 1.85 0.77
N GLY B 180 17.27 2.80 1.19
CA GLY B 180 15.88 2.85 0.76
C GLY B 180 14.89 2.17 1.68
N GLN B 181 15.28 1.88 2.92
CA GLN B 181 14.29 1.35 3.87
C GLN B 181 13.53 2.53 4.48
N ILE B 182 12.28 2.30 4.89
CA ILE B 182 11.44 3.38 5.38
C ILE B 182 10.79 3.03 6.71
N ILE B 183 10.82 3.97 7.63
CA ILE B 183 9.92 3.93 8.77
C ILE B 183 8.98 5.12 8.71
N GLU B 184 7.68 4.84 8.69
CA GLU B 184 6.69 5.90 8.62
C GLU B 184 6.31 6.42 10.00
N GLN B 185 5.72 7.62 10.05
CA GLN B 185 5.19 8.11 11.31
C GLN B 185 4.08 7.21 11.83
N SER B 186 3.37 6.55 10.91
CA SER B 186 2.35 5.58 11.30
C SER B 186 2.91 4.42 12.10
N GLY B 187 4.18 4.10 11.87
CA GLY B 187 4.79 2.96 12.53
C GLY B 187 5.23 1.87 11.58
N THR B 188 4.81 1.93 10.31
CA THR B 188 5.18 0.87 9.39
C THR B 188 6.68 0.86 9.10
N MET B 189 7.17 -0.30 8.69
CA MET B 189 8.58 -0.49 8.34
C MET B 189 8.67 -1.15 6.98
N THR B 190 9.48 -0.59 6.08
CA THR B 190 9.59 -1.09 4.71
C THR B 190 11.01 -1.48 4.30
N GLY B 191 11.15 -2.66 3.73
CA GLY B 191 12.43 -3.11 3.22
C GLY B 191 12.33 -4.52 2.66
N GLY B 192 13.47 -5.16 2.41
CA GLY B 192 13.50 -6.55 2.00
C GLY B 192 13.76 -6.66 0.52
N GLY B 193 14.31 -7.80 0.09
CA GLY B 193 14.52 -7.99 -1.34
C GLY B 193 15.79 -7.37 -1.85
N SER B 194 16.13 -7.69 -3.09
CA SER B 194 17.40 -7.29 -3.69
C SER B 194 17.22 -6.10 -4.62
N LYS B 195 15.98 -5.87 -5.02
CA LYS B 195 15.67 -4.83 -6.00
C LYS B 195 15.78 -3.44 -5.41
N VAL B 196 16.53 -2.58 -6.08
CA VAL B 196 16.72 -1.21 -5.60
C VAL B 196 15.98 -0.23 -6.49
N MET B 197 15.21 0.67 -5.87
CA MET B 197 14.60 1.77 -6.60
C MET B 197 15.55 2.94 -6.75
N LYS B 198 15.72 3.41 -7.97
CA LYS B 198 16.62 4.53 -8.24
C LYS B 198 16.27 5.25 -9.54
N GLY B 199 16.85 6.44 -9.74
CA GLY B 199 16.73 7.14 -10.99
C GLY B 199 15.39 7.83 -11.19
N ARG B 200 14.61 7.97 -10.13
CA ARG B 200 13.28 8.56 -10.30
C ARG B 200 13.28 10.09 -10.23
N MET B 201 14.44 10.67 -9.97
CA MET B 201 14.52 12.13 -10.01
C MET B 201 15.20 12.64 -11.29
N GLY B 202 14.71 13.77 -11.79
CA GLY B 202 15.02 14.29 -13.12
C GLY B 202 16.48 14.56 -13.46
N SER B 203 17.31 14.75 -12.45
CA SER B 203 18.75 14.95 -12.64
C SER B 203 19.52 14.93 -11.33
N SER B 204 20.82 15.18 -11.46
CA SER B 204 21.76 15.10 -10.35
C SER B 204 22.62 16.35 -10.23
N LEU B 205 22.12 17.47 -10.77
CA LEU B 205 22.74 18.81 -10.67
C LEU B 205 23.94 18.96 -9.73
#